data_2N17
#
_entry.id   2N17
#
_entity_poly.entity_id   1
_entity_poly.type   'polypeptide(L)'
_entity_poly.pdbx_seq_one_letter_code
;MAHHHHHHVDDDDKPEDCQLFCPMIYAPICATDGVSQRTFSNPCDLKVYNCWNPDNPYKEVKVGECDDANKPVPI
;
_entity_poly.pdbx_strand_id   A
#
# COMPACT_ATOMS: atom_id res chain seq x y z
N CYS A 18 -7.98 -11.41 -1.01
CA CYS A 18 -8.43 -10.08 -1.42
C CYS A 18 -9.76 -9.80 -0.78
N GLN A 19 -9.84 -8.64 -0.19
CA GLN A 19 -11.04 -8.16 0.45
C GLN A 19 -11.30 -6.73 -0.03
N LEU A 20 -12.30 -6.62 -0.90
CA LEU A 20 -12.65 -5.35 -1.52
C LEU A 20 -13.88 -4.67 -0.90
N PHE A 21 -13.56 -3.71 -0.04
CA PHE A 21 -14.54 -2.83 0.61
C PHE A 21 -13.88 -1.44 0.73
N CYS A 22 -14.20 -0.55 -0.22
CA CYS A 22 -13.59 0.78 -0.28
C CYS A 22 -14.48 1.91 0.30
N PRO A 23 -14.06 2.54 1.45
CA PRO A 23 -14.78 3.70 2.02
C PRO A 23 -14.39 5.01 1.33
N MET A 24 -15.27 6.02 1.35
CA MET A 24 -14.97 7.30 0.69
C MET A 24 -14.30 8.29 1.66
N ILE A 25 -12.95 8.23 1.68
CA ILE A 25 -12.10 9.09 2.52
C ILE A 25 -10.73 9.27 1.85
N TYR A 26 -10.06 10.40 2.11
CA TYR A 26 -8.73 10.64 1.55
C TYR A 26 -7.66 10.43 2.61
N ALA A 27 -7.09 9.23 2.57
CA ALA A 27 -6.06 8.77 3.49
C ALA A 27 -4.88 8.12 2.73
N PRO A 28 -3.67 8.77 2.64
CA PRO A 28 -2.49 8.18 1.96
C PRO A 28 -1.84 7.06 2.80
N ILE A 29 -1.51 5.94 2.13
CA ILE A 29 -0.88 4.79 2.80
C ILE A 29 0.45 4.41 2.13
N CYS A 30 1.43 4.02 2.98
CA CYS A 30 2.75 3.61 2.51
C CYS A 30 2.92 2.09 2.61
N ALA A 31 3.44 1.48 1.52
CA ALA A 31 3.66 0.05 1.45
C ALA A 31 4.95 -0.24 0.70
N THR A 32 5.76 -1.15 1.26
CA THR A 32 7.06 -1.49 0.66
C THR A 32 7.18 -2.98 0.36
N ASP A 33 7.65 -3.28 -0.84
CA ASP A 33 7.89 -4.67 -1.26
C ASP A 33 9.41 -4.94 -1.38
N GLY A 34 10.18 -4.36 -0.45
CA GLY A 34 11.64 -4.51 -0.44
C GLY A 34 12.34 -3.39 -1.22
N VAL A 35 11.65 -2.94 -2.28
CA VAL A 35 12.08 -1.88 -3.17
C VAL A 35 11.50 -0.54 -2.68
N SER A 36 11.94 0.61 -3.26
CA SER A 36 11.42 1.92 -2.86
C SER A 36 9.89 1.90 -2.93
N GLN A 37 9.27 2.32 -1.82
CA GLN A 37 7.83 2.24 -1.62
C GLN A 37 7.03 3.33 -2.32
N ARG A 38 5.73 3.04 -2.42
CA ARG A 38 4.76 3.92 -3.08
C ARG A 38 3.60 4.25 -2.13
N THR A 39 2.97 5.40 -2.39
CA THR A 39 1.84 5.87 -1.59
C THR A 39 0.55 5.87 -2.40
N PHE A 40 -0.49 5.26 -1.83
CA PHE A 40 -1.82 5.16 -2.46
C PHE A 40 -2.77 6.21 -1.87
N SER A 41 -3.96 6.35 -2.48
CA SER A 41 -4.98 7.30 -2.02
C SER A 41 -5.80 6.75 -0.84
N ASN A 42 -5.79 5.41 -0.68
CA ASN A 42 -6.52 4.73 0.41
C ASN A 42 -6.14 3.24 0.49
N PRO A 43 -6.19 2.58 1.72
CA PRO A 43 -5.85 1.14 1.90
C PRO A 43 -6.59 0.17 0.95
N CYS A 44 -7.85 0.52 0.56
CA CYS A 44 -8.65 -0.33 -0.34
C CYS A 44 -8.14 -0.26 -1.80
N ASP A 45 -7.60 0.91 -2.18
CA ASP A 45 -7.05 1.13 -3.54
C ASP A 45 -5.74 0.34 -3.73
N LEU A 46 -5.08 0.03 -2.61
CA LEU A 46 -3.83 -0.70 -2.57
C LEU A 46 -4.03 -2.22 -2.74
N LYS A 47 -4.93 -2.78 -1.91
CA LYS A 47 -5.25 -4.22 -1.87
C LYS A 47 -5.66 -4.79 -3.24
N VAL A 48 -6.33 -3.96 -4.04
CA VAL A 48 -6.79 -4.31 -5.39
C VAL A 48 -5.59 -4.47 -6.36
N TYR A 49 -4.58 -3.62 -6.15
CA TYR A 49 -3.36 -3.59 -6.98
C TYR A 49 -2.58 -4.91 -6.92
N ASN A 50 -2.36 -5.43 -5.71
CA ASN A 50 -1.63 -6.70 -5.46
C ASN A 50 -2.45 -7.95 -5.83
N CYS A 51 -3.77 -7.83 -5.66
CA CYS A 51 -4.73 -8.93 -5.93
C CYS A 51 -4.63 -9.51 -7.35
N TRP A 52 -4.76 -8.65 -8.37
CA TRP A 52 -4.70 -9.10 -9.78
C TRP A 52 -3.33 -8.91 -10.45
N ASN A 53 -2.46 -8.16 -9.79
CA ASN A 53 -1.08 -7.94 -10.24
C ASN A 53 -0.09 -8.79 -9.39
N PRO A 54 0.19 -10.07 -9.82
CA PRO A 54 1.13 -10.97 -9.08
C PRO A 54 2.61 -10.55 -9.17
N ASP A 55 2.99 -10.01 -10.35
CA ASP A 55 4.37 -9.56 -10.63
C ASP A 55 4.81 -8.32 -9.83
N ASN A 56 3.86 -7.42 -9.49
CA ASN A 56 4.19 -6.20 -8.74
C ASN A 56 3.31 -6.03 -7.47
N PRO A 57 3.47 -6.91 -6.42
CA PRO A 57 2.71 -6.81 -5.15
C PRO A 57 3.31 -5.80 -4.15
N TYR A 58 2.46 -5.27 -3.25
CA TYR A 58 2.90 -4.33 -2.22
C TYR A 58 2.56 -4.83 -0.82
N LYS A 59 3.42 -4.52 0.16
CA LYS A 59 3.22 -4.93 1.54
C LYS A 59 3.02 -3.69 2.43
N GLU A 60 1.86 -3.64 3.10
CA GLU A 60 1.47 -2.49 3.95
C GLU A 60 2.30 -2.34 5.23
N VAL A 61 2.95 -1.17 5.35
CA VAL A 61 3.78 -0.81 6.52
C VAL A 61 2.99 0.05 7.51
N LYS A 62 2.29 1.09 7.00
CA LYS A 62 1.49 2.02 7.82
C LYS A 62 0.73 3.02 6.92
N VAL A 63 -0.21 3.79 7.51
CA VAL A 63 -0.93 4.81 6.75
C VAL A 63 -0.20 6.16 6.93
N GLY A 64 0.60 6.50 5.92
CA GLY A 64 1.38 7.73 5.92
C GLY A 64 2.32 7.83 4.73
N GLU A 65 3.32 8.69 4.86
CA GLU A 65 4.37 8.84 3.85
C GLU A 65 5.69 8.36 4.44
N CYS A 66 6.13 7.19 3.99
CA CYS A 66 7.36 6.56 4.49
C CYS A 66 8.49 6.57 3.46
N ASP A 67 9.72 6.54 3.98
CA ASP A 67 10.94 6.52 3.16
C ASP A 67 11.61 5.13 3.23
N ASP A 68 12.69 4.94 2.43
CA ASP A 68 13.43 3.65 2.38
C ASP A 68 14.29 3.38 3.65
N ALA A 69 14.40 4.40 4.52
CA ALA A 69 15.17 4.28 5.77
C ALA A 69 14.29 3.89 6.97
N ASN A 70 13.05 3.43 6.68
CA ASN A 70 12.08 3.03 7.70
C ASN A 70 12.14 1.51 7.95
N LYS A 71 11.53 1.09 9.06
CA LYS A 71 11.48 -0.33 9.47
C LYS A 71 10.23 -1.03 8.89
N PRO A 72 10.33 -2.32 8.40
CA PRO A 72 9.16 -3.05 7.85
C PRO A 72 8.16 -3.50 8.92
N VAL A 73 6.88 -3.16 8.69
CA VAL A 73 5.78 -3.51 9.61
C VAL A 73 4.81 -4.58 9.01
N CYS A 18 -7.15 -11.73 -0.67
CA CYS A 18 -7.61 -10.42 -1.13
C CYS A 18 -8.84 -10.06 -0.34
N GLN A 19 -8.83 -8.86 0.18
CA GLN A 19 -9.93 -8.34 0.94
C GLN A 19 -10.29 -6.96 0.38
N LEU A 20 -11.42 -6.95 -0.33
CA LEU A 20 -11.92 -5.76 -1.00
C LEU A 20 -13.07 -5.07 -0.25
N PHE A 21 -12.68 -4.03 0.45
CA PHE A 21 -13.58 -3.13 1.18
C PHE A 21 -13.04 -1.70 0.99
N CYS A 22 -13.74 -0.94 0.13
CA CYS A 22 -13.31 0.41 -0.23
C CYS A 22 -14.02 1.54 0.57
N PRO A 23 -13.36 2.12 1.63
CA PRO A 23 -13.91 3.26 2.39
C PRO A 23 -13.53 4.60 1.71
N MET A 24 -14.45 5.59 1.73
CA MET A 24 -14.18 6.88 1.09
C MET A 24 -13.75 7.94 2.12
N ILE A 25 -12.42 8.04 2.31
CA ILE A 25 -11.79 9.01 3.24
C ILE A 25 -10.40 9.33 2.68
N TYR A 26 -10.07 10.61 2.50
CA TYR A 26 -8.76 10.97 1.93
C TYR A 26 -7.67 10.97 2.99
N ALA A 27 -6.98 9.84 3.00
CA ALA A 27 -5.85 9.56 3.89
C ALA A 27 -4.68 8.95 3.10
N PRO A 28 -3.40 9.39 3.29
CA PRO A 28 -2.24 8.80 2.58
C PRO A 28 -1.74 7.50 3.25
N ILE A 29 -1.57 6.44 2.45
CA ILE A 29 -1.08 5.15 2.99
C ILE A 29 0.19 4.69 2.25
N CYS A 30 1.16 4.18 3.04
CA CYS A 30 2.43 3.68 2.52
C CYS A 30 2.47 2.16 2.55
N ALA A 31 3.02 1.56 1.47
CA ALA A 31 3.13 0.11 1.34
C ALA A 31 4.48 -0.24 0.71
N THR A 32 5.20 -1.19 1.33
CA THR A 32 6.52 -1.59 0.85
C THR A 32 6.63 -3.10 0.64
N ASP A 33 7.20 -3.47 -0.50
CA ASP A 33 7.43 -4.88 -0.84
C ASP A 33 8.95 -5.20 -0.82
N GLY A 34 9.69 -4.49 0.06
CA GLY A 34 11.15 -4.65 0.17
C GLY A 34 11.88 -3.65 -0.74
N VAL A 35 11.22 -3.38 -1.86
CA VAL A 35 11.62 -2.44 -2.90
C VAL A 35 11.11 -1.03 -2.55
N SER A 36 11.56 0.01 -3.27
CA SER A 36 11.11 1.40 -2.99
C SER A 36 9.57 1.42 -2.99
N GLN A 37 9.03 1.96 -1.89
CA GLN A 37 7.58 1.97 -1.60
C GLN A 37 6.81 3.02 -2.36
N ARG A 38 5.49 2.81 -2.38
CA ARG A 38 4.55 3.69 -3.06
C ARG A 38 3.48 4.23 -2.13
N THR A 39 2.94 5.40 -2.51
CA THR A 39 1.88 6.06 -1.74
C THR A 39 0.60 6.13 -2.57
N PHE A 40 -0.46 5.50 -2.05
CA PHE A 40 -1.76 5.45 -2.73
C PHE A 40 -2.72 6.50 -2.14
N SER A 41 -3.81 6.79 -2.87
CA SER A 41 -4.82 7.77 -2.43
C SER A 41 -5.69 7.20 -1.30
N ASN A 42 -5.83 5.86 -1.27
CA ASN A 42 -6.63 5.14 -0.25
C ASN A 42 -6.30 3.63 -0.28
N PRO A 43 -6.73 2.79 0.75
CA PRO A 43 -6.43 1.33 0.77
C PRO A 43 -7.10 0.55 -0.37
N CYS A 44 -8.18 1.14 -0.94
CA CYS A 44 -8.95 0.53 -2.05
C CYS A 44 -8.08 0.30 -3.30
N ASP A 45 -7.27 1.32 -3.66
CA ASP A 45 -6.38 1.26 -4.83
C ASP A 45 -5.18 0.32 -4.60
N LEU A 46 -4.75 0.17 -3.33
CA LEU A 46 -3.63 -0.67 -2.97
C LEU A 46 -4.00 -2.16 -2.87
N LYS A 47 -5.01 -2.45 -2.03
CA LYS A 47 -5.50 -3.82 -1.78
C LYS A 47 -5.89 -4.55 -3.08
N VAL A 48 -6.43 -3.79 -4.02
CA VAL A 48 -6.81 -4.31 -5.35
C VAL A 48 -5.55 -4.58 -6.21
N TYR A 49 -4.54 -3.71 -6.05
CA TYR A 49 -3.28 -3.77 -6.80
C TYR A 49 -2.48 -5.07 -6.54
N ASN A 50 -2.25 -5.37 -5.26
CA ASN A 50 -1.49 -6.56 -4.82
C ASN A 50 -2.17 -7.88 -5.19
N CYS A 51 -3.52 -7.84 -5.22
CA CYS A 51 -4.35 -9.00 -5.53
C CYS A 51 -4.16 -9.54 -6.97
N TRP A 52 -4.36 -8.66 -7.98
CA TRP A 52 -4.24 -9.07 -9.39
C TRP A 52 -2.85 -8.86 -10.03
N ASN A 53 -1.97 -8.15 -9.32
CA ASN A 53 -0.59 -7.90 -9.76
C ASN A 53 0.40 -8.82 -8.99
N PRO A 54 0.68 -10.06 -9.51
CA PRO A 54 1.63 -11.02 -8.86
C PRO A 54 3.11 -10.59 -8.95
N ASP A 55 3.48 -10.01 -10.11
CA ASP A 55 4.86 -9.55 -10.37
C ASP A 55 5.24 -8.26 -9.64
N ASN A 56 4.26 -7.37 -9.38
CA ASN A 56 4.51 -6.10 -8.69
C ASN A 56 3.52 -5.88 -7.51
N PRO A 57 3.52 -6.75 -6.44
CA PRO A 57 2.63 -6.60 -5.27
C PRO A 57 3.16 -5.61 -4.22
N TYR A 58 2.24 -5.05 -3.41
CA TYR A 58 2.61 -4.10 -2.34
C TYR A 58 1.92 -4.49 -1.04
N LYS A 59 2.67 -4.39 0.07
CA LYS A 59 2.14 -4.73 1.39
C LYS A 59 2.11 -3.49 2.28
N GLU A 60 0.97 -3.30 2.98
CA GLU A 60 0.75 -2.12 3.83
C GLU A 60 1.53 -2.12 5.15
N VAL A 61 2.43 -1.14 5.27
CA VAL A 61 3.26 -0.91 6.48
C VAL A 61 2.55 -0.04 7.51
N LYS A 62 1.96 1.09 7.03
CA LYS A 62 1.25 2.06 7.91
C LYS A 62 0.48 3.08 7.07
N VAL A 63 -0.40 3.88 7.75
CA VAL A 63 -1.13 4.94 7.06
C VAL A 63 -0.37 6.25 7.32
N GLY A 64 0.42 6.63 6.31
CA GLY A 64 1.23 7.84 6.37
C GLY A 64 2.14 7.96 5.14
N GLU A 65 3.18 8.78 5.29
CA GLU A 65 4.19 8.95 4.25
C GLU A 65 5.51 8.37 4.78
N CYS A 66 5.96 7.29 4.15
CA CYS A 66 7.17 6.60 4.57
C CYS A 66 8.35 6.82 3.61
N ASP A 67 9.57 6.70 4.17
CA ASP A 67 10.82 6.87 3.42
C ASP A 67 11.49 5.51 3.17
N ASP A 68 12.59 5.51 2.39
CA ASP A 68 13.33 4.28 2.05
C ASP A 68 14.16 3.72 3.23
N ALA A 69 14.24 4.50 4.33
CA ALA A 69 14.99 4.11 5.53
C ALA A 69 14.08 3.42 6.58
N ASN A 70 12.84 3.08 6.17
CA ASN A 70 11.87 2.43 7.05
C ASN A 70 11.82 0.92 6.77
N LYS A 71 11.56 0.16 7.84
CA LYS A 71 11.48 -1.32 7.77
C LYS A 71 10.02 -1.80 7.58
N PRO A 72 9.77 -3.02 6.96
CA PRO A 72 8.40 -3.55 6.75
C PRO A 72 7.74 -4.09 8.02
N VAL A 73 6.43 -3.83 8.15
CA VAL A 73 5.64 -4.29 9.31
C VAL A 73 4.23 -4.86 8.93
N CYS A 18 -7.65 -11.92 -1.13
CA CYS A 18 -7.91 -10.53 -1.50
C CYS A 18 -9.18 -10.11 -0.81
N GLN A 19 -9.12 -8.97 -0.15
CA GLN A 19 -10.27 -8.42 0.53
C GLN A 19 -10.43 -6.96 0.12
N LEU A 20 -11.45 -6.74 -0.70
CA LEU A 20 -11.78 -5.44 -1.25
C LEU A 20 -12.95 -4.77 -0.52
N PHE A 21 -12.57 -3.86 0.38
CA PHE A 21 -13.49 -3.04 1.16
C PHE A 21 -13.08 -1.57 0.95
N CYS A 22 -13.83 -0.89 0.08
CA CYS A 22 -13.54 0.50 -0.28
C CYS A 22 -14.41 1.55 0.45
N PRO A 23 -13.89 2.20 1.55
CA PRO A 23 -14.61 3.29 2.26
C PRO A 23 -14.34 4.65 1.58
N MET A 24 -15.19 5.66 1.85
CA MET A 24 -15.01 6.99 1.24
C MET A 24 -14.33 7.96 2.22
N ILE A 25 -12.97 7.97 2.15
CA ILE A 25 -12.11 8.84 2.98
C ILE A 25 -10.84 9.15 2.17
N TYR A 26 -10.20 10.30 2.43
CA TYR A 26 -8.96 10.64 1.74
C TYR A 26 -7.81 10.65 2.75
N ALA A 27 -7.12 9.52 2.76
CA ALA A 27 -5.97 9.27 3.64
C ALA A 27 -4.80 8.64 2.87
N PRO A 28 -3.51 9.12 3.03
CA PRO A 28 -2.35 8.51 2.34
C PRO A 28 -1.94 7.17 2.97
N ILE A 29 -1.67 6.16 2.12
CA ILE A 29 -1.29 4.82 2.59
C ILE A 29 0.09 4.42 2.02
N CYS A 30 1.03 4.04 2.92
CA CYS A 30 2.38 3.62 2.53
C CYS A 30 2.53 2.10 2.64
N ALA A 31 3.16 1.48 1.62
CA ALA A 31 3.38 0.03 1.56
C ALA A 31 4.65 -0.28 0.77
N THR A 32 5.45 -1.22 1.29
CA THR A 32 6.72 -1.61 0.66
C THR A 32 6.77 -3.10 0.33
N ASP A 33 7.30 -3.41 -0.84
CA ASP A 33 7.49 -4.81 -1.28
C ASP A 33 9.00 -5.14 -1.36
N GLY A 34 9.79 -4.53 -0.46
CA GLY A 34 11.25 -4.72 -0.44
C GLY A 34 11.94 -3.62 -1.22
N VAL A 35 11.35 -3.34 -2.39
CA VAL A 35 11.74 -2.28 -3.33
C VAL A 35 11.17 -0.94 -2.81
N SER A 36 11.61 0.19 -3.40
CA SER A 36 11.13 1.52 -2.98
C SER A 36 9.60 1.54 -3.00
N GLN A 37 9.04 2.02 -1.89
CA GLN A 37 7.60 2.01 -1.61
C GLN A 37 6.82 3.11 -2.34
N ARG A 38 5.50 2.88 -2.39
CA ARG A 38 4.56 3.77 -3.04
C ARG A 38 3.46 4.22 -2.08
N THR A 39 2.90 5.40 -2.36
CA THR A 39 1.83 5.98 -1.55
C THR A 39 0.53 6.01 -2.35
N PHE A 40 -0.50 5.33 -1.82
CA PHE A 40 -1.83 5.26 -2.45
C PHE A 40 -2.77 6.30 -1.83
N SER A 41 -3.91 6.55 -2.50
CA SER A 41 -4.91 7.52 -2.03
C SER A 41 -5.81 6.93 -0.93
N ASN A 42 -5.88 5.58 -0.85
CA ASN A 42 -6.70 4.86 0.15
C ASN A 42 -6.48 3.33 0.01
N PRO A 43 -6.75 2.48 1.10
CA PRO A 43 -6.57 1.00 1.04
C PRO A 43 -7.28 0.30 -0.14
N CYS A 44 -8.28 0.99 -0.74
CA CYS A 44 -9.05 0.46 -1.89
C CYS A 44 -8.14 0.26 -3.12
N ASP A 45 -7.38 1.31 -3.46
CA ASP A 45 -6.44 1.29 -4.60
C ASP A 45 -5.20 0.42 -4.33
N LEU A 46 -4.86 0.23 -3.03
CA LEU A 46 -3.69 -0.55 -2.63
C LEU A 46 -3.97 -2.06 -2.60
N LYS A 47 -4.99 -2.45 -1.84
CA LYS A 47 -5.39 -3.85 -1.67
C LYS A 47 -5.74 -4.53 -2.98
N VAL A 48 -6.31 -3.72 -3.88
CA VAL A 48 -6.69 -4.15 -5.22
C VAL A 48 -5.44 -4.40 -6.08
N TYR A 49 -4.42 -3.55 -5.86
CA TYR A 49 -3.14 -3.62 -6.59
C TYR A 49 -2.35 -4.88 -6.25
N ASN A 50 -2.53 -5.37 -5.02
CA ASN A 50 -1.87 -6.58 -4.52
C ASN A 50 -2.46 -7.87 -5.13
N CYS A 51 -3.76 -7.81 -5.42
CA CYS A 51 -4.53 -8.93 -5.97
C CYS A 51 -4.29 -9.20 -7.46
N TRP A 52 -4.39 -8.14 -8.30
CA TRP A 52 -4.21 -8.31 -9.76
C TRP A 52 -2.77 -8.13 -10.27
N ASN A 53 -1.88 -7.68 -9.39
CA ASN A 53 -0.45 -7.52 -9.70
C ASN A 53 0.37 -8.64 -9.01
N PRO A 54 0.55 -9.84 -9.67
CA PRO A 54 1.33 -10.97 -9.09
C PRO A 54 2.85 -10.70 -9.02
N ASP A 55 3.37 -10.01 -10.06
CA ASP A 55 4.79 -9.67 -10.17
C ASP A 55 5.19 -8.42 -9.37
N ASN A 56 4.26 -7.45 -9.22
CA ASN A 56 4.56 -6.20 -8.49
C ASN A 56 3.49 -5.87 -7.41
N PRO A 57 3.34 -6.71 -6.33
CA PRO A 57 2.37 -6.46 -5.22
C PRO A 57 2.93 -5.47 -4.17
N TYR A 58 2.07 -5.02 -3.23
CA TYR A 58 2.49 -4.11 -2.16
C TYR A 58 2.05 -4.63 -0.80
N LYS A 59 2.91 -4.44 0.21
CA LYS A 59 2.63 -4.91 1.57
C LYS A 59 2.46 -3.71 2.52
N GLU A 60 1.30 -3.67 3.21
CA GLU A 60 0.91 -2.59 4.12
C GLU A 60 1.86 -2.44 5.34
N VAL A 61 2.52 -1.27 5.41
CA VAL A 61 3.44 -0.91 6.49
C VAL A 61 2.80 0.07 7.48
N LYS A 62 2.16 1.13 6.94
CA LYS A 62 1.51 2.19 7.75
C LYS A 62 0.78 3.18 6.83
N VAL A 63 0.01 4.11 7.43
CA VAL A 63 -0.67 5.13 6.64
C VAL A 63 0.04 6.48 6.83
N GLY A 64 0.86 6.81 5.83
CA GLY A 64 1.63 8.04 5.82
C GLY A 64 2.58 8.09 4.64
N GLU A 65 3.59 8.96 4.74
CA GLU A 65 4.64 9.05 3.73
C GLU A 65 5.92 8.45 4.30
N CYS A 66 6.24 7.25 3.82
CA CYS A 66 7.40 6.50 4.29
C CYS A 66 8.55 6.49 3.29
N ASP A 67 9.77 6.42 3.83
CA ASP A 67 11.00 6.38 3.04
C ASP A 67 11.64 4.98 3.10
N ASP A 68 12.70 4.75 2.29
CA ASP A 68 13.40 3.45 2.22
C ASP A 68 14.27 3.15 3.47
N ALA A 69 14.39 4.14 4.37
CA ALA A 69 15.18 4.00 5.61
C ALA A 69 14.31 3.58 6.81
N ASN A 70 13.08 3.14 6.52
CA ASN A 70 12.12 2.72 7.54
C ASN A 70 12.07 1.19 7.66
N LYS A 71 11.60 0.71 8.82
CA LYS A 71 11.49 -0.72 9.12
C LYS A 71 10.12 -1.29 8.64
N PRO A 72 10.07 -2.52 8.01
CA PRO A 72 8.80 -3.12 7.53
C PRO A 72 7.88 -3.59 8.67
N VAL A 73 6.59 -3.26 8.54
CA VAL A 73 5.57 -3.62 9.53
C VAL A 73 4.57 -4.70 8.99
N CYS A 18 -8.25 -12.18 -1.66
CA CYS A 18 -8.50 -10.76 -1.95
C CYS A 18 -9.79 -10.37 -1.27
N GLN A 19 -9.73 -9.26 -0.56
CA GLN A 19 -10.88 -8.73 0.13
C GLN A 19 -11.01 -7.25 -0.21
N LEU A 20 -12.02 -6.98 -1.04
CA LEU A 20 -12.31 -5.64 -1.54
C LEU A 20 -13.35 -4.91 -0.67
N PHE A 21 -12.80 -4.05 0.17
CA PHE A 21 -13.56 -3.17 1.05
C PHE A 21 -13.02 -1.74 0.84
N CYS A 22 -13.76 -0.95 0.05
CA CYS A 22 -13.34 0.41 -0.30
C CYS A 22 -14.05 1.53 0.49
N PRO A 23 -13.39 2.08 1.57
CA PRO A 23 -13.91 3.22 2.33
C PRO A 23 -13.51 4.56 1.68
N MET A 24 -14.39 5.56 1.71
CA MET A 24 -14.08 6.87 1.09
C MET A 24 -13.67 7.92 2.13
N ILE A 25 -12.36 8.00 2.37
CA ILE A 25 -11.74 8.95 3.33
C ILE A 25 -10.34 9.25 2.82
N TYR A 26 -9.96 10.53 2.68
CA TYR A 26 -8.63 10.86 2.15
C TYR A 26 -7.55 10.79 3.23
N ALA A 27 -6.90 9.64 3.21
CA ALA A 27 -5.81 9.28 4.11
C ALA A 27 -4.66 8.64 3.30
N PRO A 28 -3.42 9.24 3.26
CA PRO A 28 -2.28 8.64 2.52
C PRO A 28 -1.78 7.34 3.16
N ILE A 29 -1.55 6.31 2.34
CA ILE A 29 -1.09 5.00 2.84
C ILE A 29 0.24 4.58 2.17
N CYS A 30 1.18 4.09 3.01
CA CYS A 30 2.49 3.63 2.55
C CYS A 30 2.57 2.10 2.55
N ALA A 31 3.14 1.53 1.47
CA ALA A 31 3.30 0.09 1.30
C ALA A 31 4.61 -0.23 0.60
N THR A 32 5.31 -1.25 1.10
CA THR A 32 6.62 -1.62 0.54
C THR A 32 6.64 -3.07 0.02
N ASP A 33 7.29 -3.24 -1.12
CA ASP A 33 7.47 -4.57 -1.76
C ASP A 33 8.94 -5.04 -1.63
N GLY A 34 9.66 -4.46 -0.65
CA GLY A 34 11.09 -4.76 -0.45
C GLY A 34 11.96 -3.68 -1.09
N VAL A 35 11.41 -3.16 -2.20
CA VAL A 35 11.95 -2.07 -3.01
C VAL A 35 11.40 -0.75 -2.48
N SER A 36 11.92 0.41 -2.96
CA SER A 36 11.44 1.72 -2.49
C SER A 36 9.91 1.77 -2.63
N GLN A 37 9.27 2.17 -1.53
CA GLN A 37 7.80 2.18 -1.38
C GLN A 37 7.10 3.34 -2.07
N ARG A 38 5.79 3.14 -2.23
CA ARG A 38 4.90 4.08 -2.90
C ARG A 38 3.67 4.40 -2.04
N THR A 39 3.09 5.58 -2.27
CA THR A 39 1.91 6.04 -1.54
C THR A 39 0.68 6.03 -2.46
N PHE A 40 -0.39 5.36 -2.00
CA PHE A 40 -1.64 5.25 -2.75
C PHE A 40 -2.62 6.35 -2.30
N SER A 41 -3.66 6.61 -3.11
CA SER A 41 -4.68 7.63 -2.82
C SER A 41 -5.58 7.21 -1.64
N ASN A 42 -5.72 5.87 -1.46
CA ASN A 42 -6.54 5.28 -0.38
C ASN A 42 -6.32 3.75 -0.34
N PRO A 43 -6.61 3.04 0.82
CA PRO A 43 -6.44 1.57 0.95
C PRO A 43 -7.16 0.75 -0.15
N CYS A 44 -8.22 1.34 -0.75
CA CYS A 44 -9.00 0.69 -1.83
C CYS A 44 -8.12 0.38 -3.06
N ASP A 45 -7.33 1.37 -3.49
CA ASP A 45 -6.41 1.24 -4.64
C ASP A 45 -5.21 0.33 -4.34
N LEU A 46 -4.86 0.18 -3.05
CA LEU A 46 -3.72 -0.63 -2.62
C LEU A 46 -4.00 -2.14 -2.66
N LYS A 47 -5.06 -2.56 -1.95
CA LYS A 47 -5.47 -3.97 -1.85
C LYS A 47 -5.77 -4.58 -3.21
N VAL A 48 -6.42 -3.77 -4.06
CA VAL A 48 -6.78 -4.15 -5.44
C VAL A 48 -5.52 -4.45 -6.27
N TYR A 49 -4.46 -3.68 -6.02
CA TYR A 49 -3.18 -3.79 -6.72
C TYR A 49 -2.47 -5.12 -6.38
N ASN A 50 -2.72 -5.60 -5.16
CA ASN A 50 -2.13 -6.85 -4.65
C ASN A 50 -2.78 -8.10 -5.26
N CYS A 51 -4.07 -7.97 -5.58
CA CYS A 51 -4.88 -9.07 -6.14
C CYS A 51 -4.59 -9.37 -7.63
N TRP A 52 -4.65 -8.33 -8.49
CA TRP A 52 -4.43 -8.53 -9.94
C TRP A 52 -2.96 -8.42 -10.40
N ASN A 53 -2.09 -7.98 -9.50
CA ASN A 53 -0.65 -7.88 -9.75
C ASN A 53 0.10 -9.02 -9.01
N PRO A 54 0.26 -10.23 -9.64
CA PRO A 54 0.97 -11.38 -9.00
C PRO A 54 2.49 -11.16 -8.87
N ASP A 55 3.08 -10.52 -9.90
CA ASP A 55 4.52 -10.25 -9.94
C ASP A 55 4.95 -9.05 -9.08
N ASN A 56 4.07 -8.05 -8.90
CA ASN A 56 4.38 -6.86 -8.10
C ASN A 56 3.31 -6.56 -7.02
N PRO A 57 3.17 -7.43 -5.96
CA PRO A 57 2.20 -7.22 -4.86
C PRO A 57 2.73 -6.27 -3.78
N TYR A 58 1.86 -5.39 -3.25
CA TYR A 58 2.26 -4.43 -2.21
C TYR A 58 1.88 -4.91 -0.82
N LYS A 59 2.74 -4.62 0.15
CA LYS A 59 2.52 -4.99 1.55
C LYS A 59 2.42 -3.72 2.40
N GLU A 60 1.38 -3.68 3.25
CA GLU A 60 1.09 -2.51 4.10
C GLU A 60 2.04 -2.37 5.30
N VAL A 61 2.77 -1.24 5.30
CA VAL A 61 3.72 -0.89 6.39
C VAL A 61 3.03 -0.02 7.45
N LYS A 62 2.29 1.01 6.99
CA LYS A 62 1.57 1.97 7.86
C LYS A 62 0.73 2.93 7.01
N VAL A 63 -0.15 3.71 7.67
CA VAL A 63 -0.94 4.72 6.95
C VAL A 63 -0.31 6.08 7.24
N GLY A 64 0.48 6.53 6.28
CA GLY A 64 1.19 7.79 6.36
C GLY A 64 2.12 7.99 5.18
N GLU A 65 3.10 8.89 5.36
CA GLU A 65 4.12 9.14 4.34
C GLU A 65 5.46 8.61 4.85
N CYS A 66 5.88 7.47 4.29
CA CYS A 66 7.11 6.81 4.68
C CYS A 66 8.26 7.02 3.69
N ASP A 67 9.49 6.97 4.21
CA ASP A 67 10.71 7.13 3.41
C ASP A 67 11.46 5.79 3.28
N ASP A 68 12.54 5.76 2.47
CA ASP A 68 13.36 4.55 2.23
C ASP A 68 14.23 4.14 3.45
N ALA A 69 14.26 4.99 4.49
CA ALA A 69 15.04 4.73 5.71
C ALA A 69 14.19 4.08 6.82
N ASN A 70 13.00 3.57 6.44
CA ASN A 70 12.08 2.93 7.38
C ASN A 70 12.17 1.41 7.29
N LYS A 71 11.88 0.74 8.41
CA LYS A 71 11.91 -0.73 8.51
C LYS A 71 10.55 -1.38 8.10
N PRO A 72 10.52 -2.68 7.65
CA PRO A 72 9.26 -3.36 7.23
C PRO A 72 8.34 -3.69 8.42
N VAL A 73 7.08 -3.26 8.31
CA VAL A 73 6.06 -3.49 9.35
C VAL A 73 4.96 -4.51 8.90
N CYS A 18 -8.70 -12.02 -1.54
CA CYS A 18 -8.81 -10.60 -1.86
C CYS A 18 -10.07 -10.09 -1.22
N GLN A 19 -9.94 -8.99 -0.53
CA GLN A 19 -11.07 -8.36 0.12
C GLN A 19 -11.07 -6.88 -0.26
N LEU A 20 -12.04 -6.56 -1.12
CA LEU A 20 -12.22 -5.23 -1.66
C LEU A 20 -13.42 -4.49 -1.02
N PHE A 21 -13.08 -3.63 -0.06
CA PHE A 21 -14.04 -2.77 0.63
C PHE A 21 -13.53 -1.33 0.51
N CYS A 22 -14.14 -0.59 -0.43
CA CYS A 22 -13.73 0.78 -0.72
C CYS A 22 -14.62 1.87 -0.06
N PRO A 23 -14.15 2.49 1.08
CA PRO A 23 -14.87 3.60 1.74
C PRO A 23 -14.49 4.96 1.11
N MET A 24 -15.27 6.02 1.39
CA MET A 24 -14.97 7.35 0.82
C MET A 24 -14.29 8.25 1.85
N ILE A 25 -12.94 8.21 1.84
CA ILE A 25 -12.08 9.03 2.73
C ILE A 25 -10.75 9.29 2.02
N TYR A 26 -10.08 10.40 2.36
CA TYR A 26 -8.78 10.70 1.76
C TYR A 26 -7.67 10.58 2.83
N ALA A 27 -7.03 9.41 2.82
CA ALA A 27 -5.94 9.07 3.75
C ALA A 27 -4.74 8.45 3.00
N PRO A 28 -3.46 8.91 3.25
CA PRO A 28 -2.28 8.32 2.59
C PRO A 28 -1.76 7.07 3.33
N ILE A 29 -1.50 5.99 2.57
CA ILE A 29 -0.98 4.73 3.15
C ILE A 29 0.34 4.33 2.51
N CYS A 30 1.31 3.90 3.35
CA CYS A 30 2.64 3.48 2.88
C CYS A 30 2.78 1.95 2.97
N ALA A 31 3.37 1.35 1.92
CA ALA A 31 3.57 -0.09 1.81
C ALA A 31 4.85 -0.39 1.02
N THR A 32 5.65 -1.35 1.50
CA THR A 32 6.91 -1.72 0.84
C THR A 32 6.95 -3.19 0.44
N ASP A 33 7.50 -3.44 -0.74
CA ASP A 33 7.70 -4.81 -1.24
C ASP A 33 9.22 -5.11 -1.35
N GLY A 34 10.00 -4.57 -0.39
CA GLY A 34 11.46 -4.73 -0.39
C GLY A 34 12.14 -3.57 -1.12
N VAL A 35 11.54 -3.24 -2.27
CA VAL A 35 11.91 -2.14 -3.15
C VAL A 35 11.39 -0.81 -2.57
N SER A 36 11.82 0.34 -3.13
CA SER A 36 11.35 1.66 -2.63
C SER A 36 9.81 1.66 -2.63
N GLN A 37 9.26 2.07 -1.48
CA GLN A 37 7.81 2.04 -1.21
C GLN A 37 7.04 3.17 -1.87
N ARG A 38 5.73 2.94 -1.98
CA ARG A 38 4.79 3.87 -2.59
C ARG A 38 3.62 4.17 -1.67
N THR A 39 3.02 5.35 -1.88
CA THR A 39 1.87 5.81 -1.10
C THR A 39 0.61 5.81 -1.96
N PHE A 40 -0.45 5.18 -1.44
CA PHE A 40 -1.75 5.09 -2.11
C PHE A 40 -2.70 6.15 -1.54
N SER A 41 -3.74 6.49 -2.30
CA SER A 41 -4.74 7.50 -1.89
C SER A 41 -5.71 6.94 -0.82
N ASN A 42 -5.80 5.59 -0.75
CA ASN A 42 -6.68 4.89 0.21
C ASN A 42 -6.43 3.36 0.08
N PRO A 43 -6.80 2.46 1.09
CA PRO A 43 -6.59 0.99 0.98
C PRO A 43 -7.23 0.37 -0.27
N CYS A 44 -8.31 1.00 -0.78
CA CYS A 44 -9.03 0.53 -1.99
C CYS A 44 -8.09 0.38 -3.19
N ASP A 45 -7.23 1.40 -3.40
CA ASP A 45 -6.24 1.42 -4.49
C ASP A 45 -5.09 0.43 -4.25
N LEU A 46 -4.83 0.09 -2.97
CA LEU A 46 -3.75 -0.82 -2.60
C LEU A 46 -4.14 -2.31 -2.76
N LYS A 47 -5.24 -2.72 -2.10
CA LYS A 47 -5.74 -4.10 -2.12
C LYS A 47 -5.98 -4.61 -3.54
N VAL A 48 -6.48 -3.69 -4.38
CA VAL A 48 -6.76 -3.95 -5.80
C VAL A 48 -5.48 -4.29 -6.59
N TYR A 49 -4.38 -3.62 -6.22
CA TYR A 49 -3.08 -3.81 -6.88
C TYR A 49 -2.45 -5.16 -6.50
N ASN A 50 -2.69 -5.57 -5.26
CA ASN A 50 -2.17 -6.81 -4.68
C ASN A 50 -2.86 -8.08 -5.19
N CYS A 51 -4.16 -7.95 -5.52
CA CYS A 51 -4.99 -9.09 -5.97
C CYS A 51 -4.68 -9.55 -7.41
N TRP A 52 -4.75 -8.64 -8.39
CA TRP A 52 -4.52 -9.00 -9.80
C TRP A 52 -3.09 -8.75 -10.32
N ASN A 53 -2.26 -8.10 -9.52
CA ASN A 53 -0.85 -7.85 -9.86
C ASN A 53 0.07 -8.78 -9.03
N PRO A 54 0.36 -10.04 -9.52
CA PRO A 54 1.24 -11.01 -8.80
C PRO A 54 2.73 -10.61 -8.80
N ASP A 55 3.19 -10.04 -9.94
CA ASP A 55 4.59 -9.61 -10.13
C ASP A 55 4.94 -8.33 -9.36
N ASN A 56 3.96 -7.44 -9.14
CA ASN A 56 4.19 -6.17 -8.42
C ASN A 56 3.25 -5.99 -7.20
N PRO A 57 3.36 -6.86 -6.13
CA PRO A 57 2.52 -6.74 -4.90
C PRO A 57 3.07 -5.69 -3.90
N TYR A 58 2.26 -5.33 -2.89
CA TYR A 58 2.69 -4.37 -1.85
C TYR A 58 2.29 -4.87 -0.46
N LYS A 59 3.18 -4.65 0.51
CA LYS A 59 2.94 -5.05 1.89
C LYS A 59 2.88 -3.80 2.78
N GLU A 60 1.76 -3.66 3.51
CA GLU A 60 1.51 -2.48 4.36
C GLU A 60 2.34 -2.44 5.66
N VAL A 61 3.11 -1.35 5.78
CA VAL A 61 3.97 -1.05 6.94
C VAL A 61 3.22 -0.17 7.95
N LYS A 62 2.57 0.90 7.44
CA LYS A 62 1.82 1.87 8.24
C LYS A 62 0.96 2.75 7.32
N VAL A 63 0.07 3.57 7.91
CA VAL A 63 -0.74 4.48 7.09
C VAL A 63 -0.15 5.90 7.18
N GLY A 64 0.59 6.26 6.15
CA GLY A 64 1.25 7.55 6.06
C GLY A 64 2.14 7.66 4.84
N GLU A 65 3.05 8.63 4.89
CA GLU A 65 4.05 8.83 3.84
C GLU A 65 5.43 8.48 4.40
N CYS A 66 5.98 7.38 3.91
CA CYS A 66 7.27 6.88 4.37
C CYS A 66 8.33 6.90 3.26
N ASP A 67 9.61 6.96 3.70
CA ASP A 67 10.77 6.98 2.80
C ASP A 67 11.45 5.60 2.76
N ASP A 68 12.45 5.44 1.87
CA ASP A 68 13.21 4.18 1.71
C ASP A 68 14.16 3.87 2.90
N ALA A 69 14.32 4.85 3.81
CA ALA A 69 15.19 4.71 4.99
C ALA A 69 14.42 4.22 6.23
N ASN A 70 13.18 3.73 6.00
CA ASN A 70 12.31 3.23 7.06
C ASN A 70 12.36 1.70 7.13
N LYS A 71 12.08 1.16 8.32
CA LYS A 71 12.08 -0.29 8.57
C LYS A 71 10.67 -0.91 8.33
N PRO A 72 10.54 -2.00 7.49
CA PRO A 72 9.24 -2.66 7.22
C PRO A 72 8.71 -3.48 8.40
N VAL A 73 7.38 -3.48 8.58
CA VAL A 73 6.73 -4.23 9.67
C VAL A 73 5.43 -4.98 9.22
N CYS A 18 -8.46 -11.65 -0.99
CA CYS A 18 -8.74 -10.31 -1.48
C CYS A 18 -10.05 -9.86 -0.91
N GLN A 19 -10.05 -8.67 -0.35
CA GLN A 19 -11.23 -8.08 0.21
C GLN A 19 -11.37 -6.66 -0.30
N LEU A 20 -12.33 -6.49 -1.21
CA LEU A 20 -12.59 -5.21 -1.84
C LEU A 20 -13.85 -4.52 -1.29
N PHE A 21 -13.58 -3.58 -0.39
CA PHE A 21 -14.58 -2.69 0.23
C PHE A 21 -13.92 -1.32 0.43
N CYS A 22 -14.17 -0.41 -0.52
CA CYS A 22 -13.54 0.92 -0.51
C CYS A 22 -14.45 2.04 0.03
N PRO A 23 -14.14 2.60 1.27
CA PRO A 23 -14.88 3.74 1.84
C PRO A 23 -14.45 5.07 1.18
N MET A 24 -15.29 6.11 1.24
CA MET A 24 -14.95 7.41 0.64
C MET A 24 -14.31 8.37 1.64
N ILE A 25 -12.97 8.30 1.71
CA ILE A 25 -12.12 9.14 2.57
C ILE A 25 -10.75 9.30 1.88
N TYR A 26 -10.06 10.41 2.14
CA TYR A 26 -8.73 10.62 1.55
C TYR A 26 -7.65 10.45 2.62
N ALA A 27 -7.08 9.26 2.59
CA ALA A 27 -6.02 8.84 3.53
C ALA A 27 -4.84 8.17 2.79
N PRO A 28 -3.61 8.79 2.73
CA PRO A 28 -2.44 8.19 2.06
C PRO A 28 -1.84 7.01 2.85
N ILE A 29 -1.53 5.92 2.14
CA ILE A 29 -0.94 4.71 2.77
C ILE A 29 0.40 4.34 2.10
N CYS A 30 1.37 3.91 2.94
CA CYS A 30 2.70 3.51 2.45
C CYS A 30 2.88 2.00 2.56
N ALA A 31 3.48 1.42 1.50
CA ALA A 31 3.74 -0.02 1.42
C ALA A 31 5.05 -0.27 0.70
N THR A 32 5.90 -1.13 1.27
CA THR A 32 7.22 -1.44 0.71
C THR A 32 7.39 -2.93 0.45
N ASP A 33 7.87 -3.25 -0.75
CA ASP A 33 8.15 -4.64 -1.14
C ASP A 33 9.68 -4.91 -1.16
N GLY A 34 10.43 -4.14 -0.34
CA GLY A 34 11.90 -4.26 -0.28
C GLY A 34 12.55 -3.19 -1.15
N VAL A 35 11.82 -2.85 -2.20
CA VAL A 35 12.15 -1.83 -3.20
C VAL A 35 11.50 -0.50 -2.76
N SER A 36 11.87 0.61 -3.44
CA SER A 36 11.32 1.95 -3.12
C SER A 36 9.79 1.86 -3.12
N GLN A 37 9.21 2.32 -2.02
CA GLN A 37 7.77 2.21 -1.75
C GLN A 37 6.89 3.21 -2.49
N ARG A 38 5.61 2.86 -2.53
CA ARG A 38 4.57 3.63 -3.19
C ARG A 38 3.50 4.07 -2.19
N THR A 39 2.82 5.17 -2.52
CA THR A 39 1.76 5.73 -1.67
C THR A 39 0.44 5.78 -2.45
N PHE A 40 -0.59 5.11 -1.90
CA PHE A 40 -1.93 5.07 -2.51
C PHE A 40 -2.85 6.14 -1.87
N SER A 41 -4.02 6.35 -2.49
CA SER A 41 -5.00 7.34 -2.00
C SER A 41 -5.80 6.82 -0.80
N ASN A 42 -5.83 5.47 -0.61
CA ASN A 42 -6.57 4.84 0.50
C ASN A 42 -6.19 3.34 0.62
N PRO A 43 -6.25 2.71 1.86
CA PRO A 43 -5.93 1.27 2.07
C PRO A 43 -6.63 0.30 1.10
N CYS A 44 -7.89 0.60 0.70
CA CYS A 44 -8.65 -0.25 -0.23
C CYS A 44 -8.11 -0.15 -1.67
N ASP A 45 -7.52 1.02 -1.99
CA ASP A 45 -6.93 1.28 -3.32
C ASP A 45 -5.65 0.45 -3.52
N LEU A 46 -5.01 0.07 -2.40
CA LEU A 46 -3.78 -0.71 -2.39
C LEU A 46 -4.04 -2.21 -2.60
N LYS A 47 -4.93 -2.78 -1.77
CA LYS A 47 -5.27 -4.21 -1.77
C LYS A 47 -5.70 -4.72 -3.15
N VAL A 48 -6.38 -3.85 -3.91
CA VAL A 48 -6.83 -4.15 -5.27
C VAL A 48 -5.65 -4.45 -6.21
N TYR A 49 -4.55 -3.72 -5.98
CA TYR A 49 -3.31 -3.86 -6.77
C TYR A 49 -2.59 -5.17 -6.42
N ASN A 50 -2.77 -5.60 -5.18
CA ASN A 50 -2.16 -6.81 -4.62
C ASN A 50 -2.82 -8.10 -5.14
N CYS A 51 -4.14 -8.00 -5.42
CA CYS A 51 -4.95 -9.15 -5.87
C CYS A 51 -4.74 -9.52 -7.35
N TRP A 52 -4.84 -8.52 -8.26
CA TRP A 52 -4.68 -8.78 -9.70
C TRP A 52 -3.28 -8.53 -10.28
N ASN A 53 -2.38 -7.96 -9.48
CA ASN A 53 -0.99 -7.71 -9.89
C ASN A 53 -0.03 -8.70 -9.18
N PRO A 54 0.18 -9.95 -9.73
CA PRO A 54 1.07 -10.96 -9.13
C PRO A 54 2.58 -10.62 -9.25
N ASP A 55 2.95 -10.02 -10.41
CA ASP A 55 4.33 -9.64 -10.72
C ASP A 55 4.84 -8.40 -9.93
N ASN A 56 3.92 -7.47 -9.58
CA ASN A 56 4.31 -6.26 -8.84
C ASN A 56 3.46 -6.07 -7.55
N PRO A 57 3.65 -6.95 -6.50
CA PRO A 57 2.92 -6.85 -5.22
C PRO A 57 3.54 -5.83 -4.24
N TYR A 58 2.75 -5.35 -3.28
CA TYR A 58 3.21 -4.39 -2.26
C TYR A 58 2.87 -4.90 -0.86
N LYS A 59 3.72 -4.55 0.12
CA LYS A 59 3.54 -4.98 1.50
C LYS A 59 3.27 -3.75 2.39
N GLU A 60 2.08 -3.75 3.03
CA GLU A 60 1.62 -2.62 3.87
C GLU A 60 2.42 -2.44 5.18
N VAL A 61 3.01 -1.24 5.32
CA VAL A 61 3.78 -0.86 6.50
C VAL A 61 2.93 -0.03 7.48
N LYS A 62 2.21 0.98 6.95
CA LYS A 62 1.35 1.88 7.76
C LYS A 62 0.58 2.85 6.86
N VAL A 63 -0.37 3.62 7.44
CA VAL A 63 -1.11 4.62 6.68
C VAL A 63 -0.38 5.99 6.85
N GLY A 64 0.42 6.33 5.84
CA GLY A 64 1.18 7.57 5.85
C GLY A 64 2.13 7.67 4.67
N GLU A 65 3.14 8.55 4.81
CA GLU A 65 4.19 8.71 3.81
C GLU A 65 5.50 8.23 4.44
N CYS A 66 6.06 7.16 3.89
CA CYS A 66 7.28 6.55 4.41
C CYS A 66 8.45 6.63 3.43
N ASP A 67 9.67 6.61 4.01
CA ASP A 67 10.93 6.66 3.25
C ASP A 67 11.63 5.29 3.29
N ASP A 68 12.74 5.16 2.52
CA ASP A 68 13.52 3.90 2.45
C ASP A 68 14.36 3.63 3.73
N ALA A 69 14.41 4.62 4.63
CA ALA A 69 15.17 4.51 5.89
C ALA A 69 14.29 4.02 7.06
N ASN A 70 13.09 3.50 6.74
CA ASN A 70 12.13 3.01 7.73
C ASN A 70 12.21 1.48 7.85
N LYS A 71 11.75 0.98 9.01
CA LYS A 71 11.73 -0.46 9.31
C LYS A 71 10.44 -1.13 8.78
N PRO A 72 10.51 -2.38 8.17
CA PRO A 72 9.31 -3.08 7.64
C PRO A 72 8.35 -3.57 8.74
N VAL A 73 7.08 -3.17 8.62
CA VAL A 73 6.03 -3.54 9.56
C VAL A 73 5.06 -4.63 8.97
N CYS A 18 -7.31 -11.35 -1.66
CA CYS A 18 -8.07 -10.18 -2.12
C CYS A 18 -9.27 -10.04 -1.21
N GLN A 19 -9.46 -8.82 -0.73
CA GLN A 19 -10.56 -8.50 0.12
C GLN A 19 -11.23 -7.22 -0.38
N LEU A 20 -12.40 -7.40 -0.98
CA LEU A 20 -13.20 -6.31 -1.54
C LEU A 20 -13.92 -5.49 -0.45
N PHE A 21 -13.24 -4.40 -0.10
CA PHE A 21 -13.72 -3.41 0.87
C PHE A 21 -13.20 -2.03 0.41
N CYS A 22 -14.09 -1.16 -0.07
CA CYS A 22 -13.67 0.16 -0.54
C CYS A 22 -14.41 1.34 0.13
N PRO A 23 -13.84 1.93 1.23
CA PRO A 23 -14.41 3.11 1.91
C PRO A 23 -13.94 4.41 1.24
N MET A 24 -14.76 5.48 1.33
CA MET A 24 -14.41 6.77 0.72
C MET A 24 -13.98 7.78 1.79
N ILE A 25 -12.66 7.81 2.06
CA ILE A 25 -12.07 8.73 3.06
C ILE A 25 -10.62 9.04 2.67
N TYR A 26 -10.20 10.31 2.76
CA TYR A 26 -8.84 10.67 2.36
C TYR A 26 -7.85 10.40 3.49
N ALA A 27 -7.26 9.22 3.36
CA ALA A 27 -6.24 8.69 4.27
C ALA A 27 -5.06 8.12 3.47
N PRO A 28 -3.96 8.91 3.22
CA PRO A 28 -2.79 8.40 2.46
C PRO A 28 -2.06 7.27 3.20
N ILE A 29 -1.81 6.16 2.50
CA ILE A 29 -1.11 5.00 3.11
C ILE A 29 0.17 4.63 2.39
N CYS A 30 1.19 4.23 3.18
CA CYS A 30 2.49 3.80 2.65
C CYS A 30 2.61 2.27 2.72
N ALA A 31 3.22 1.69 1.68
CA ALA A 31 3.41 0.24 1.57
C ALA A 31 4.78 -0.06 0.97
N THR A 32 5.44 -1.11 1.47
CA THR A 32 6.76 -1.50 0.97
C THR A 32 6.82 -3.00 0.68
N ASP A 33 7.40 -3.31 -0.46
CA ASP A 33 7.61 -4.71 -0.88
C ASP A 33 9.11 -4.98 -1.07
N GLY A 34 9.94 -4.28 -0.29
CA GLY A 34 11.41 -4.40 -0.39
C GLY A 34 11.98 -3.38 -1.38
N VAL A 35 11.19 -3.17 -2.44
CA VAL A 35 11.43 -2.21 -3.52
C VAL A 35 11.03 -0.81 -3.03
N SER A 36 11.35 0.26 -3.80
CA SER A 36 11.03 1.63 -3.38
C SER A 36 9.54 1.72 -3.03
N GLN A 37 9.24 2.50 -1.98
CA GLN A 37 7.90 2.60 -1.39
C GLN A 37 6.94 3.47 -2.19
N ARG A 38 5.67 3.04 -2.17
CA ARG A 38 4.60 3.72 -2.88
C ARG A 38 3.51 4.19 -1.94
N THR A 39 2.80 5.24 -2.36
CA THR A 39 1.71 5.83 -1.57
C THR A 39 0.43 5.88 -2.42
N PHE A 40 -0.63 5.24 -1.89
CA PHE A 40 -1.93 5.19 -2.56
C PHE A 40 -2.85 6.31 -2.04
N SER A 41 -3.89 6.65 -2.82
CA SER A 41 -4.85 7.70 -2.46
C SER A 41 -5.85 7.23 -1.39
N ASN A 42 -6.10 5.92 -1.33
CA ASN A 42 -7.05 5.31 -0.37
C ASN A 42 -6.76 3.79 -0.20
N PRO A 43 -7.23 3.11 0.92
CA PRO A 43 -7.01 1.65 1.12
C PRO A 43 -7.60 0.76 0.00
N CYS A 44 -8.56 1.31 -0.77
CA CYS A 44 -9.20 0.60 -1.89
C CYS A 44 -8.23 0.41 -3.07
N ASP A 45 -7.43 1.46 -3.33
CA ASP A 45 -6.43 1.47 -4.42
C ASP A 45 -5.22 0.57 -4.12
N LEU A 46 -4.95 0.30 -2.83
CA LEU A 46 -3.82 -0.52 -2.41
C LEU A 46 -4.05 -2.03 -2.59
N LYS A 47 -5.15 -2.53 -2.01
CA LYS A 47 -5.50 -3.95 -2.04
C LYS A 47 -5.73 -4.48 -3.45
N VAL A 48 -6.28 -3.60 -4.29
CA VAL A 48 -6.58 -3.87 -5.70
C VAL A 48 -5.30 -4.22 -6.49
N TYR A 49 -4.20 -3.54 -6.14
CA TYR A 49 -2.90 -3.76 -6.80
C TYR A 49 -2.30 -5.10 -6.41
N ASN A 50 -2.66 -5.56 -5.21
CA ASN A 50 -2.20 -6.83 -4.64
C ASN A 50 -2.88 -8.05 -5.28
N CYS A 51 -4.15 -7.86 -5.70
CA CYS A 51 -4.97 -8.92 -6.28
C CYS A 51 -4.62 -9.27 -7.73
N TRP A 52 -4.56 -8.25 -8.61
CA TRP A 52 -4.26 -8.48 -10.04
C TRP A 52 -2.78 -8.38 -10.43
N ASN A 53 -1.95 -7.91 -9.50
CA ASN A 53 -0.49 -7.81 -9.71
C ASN A 53 0.23 -8.89 -8.87
N PRO A 54 0.39 -10.16 -9.40
CA PRO A 54 1.08 -11.25 -8.67
C PRO A 54 2.60 -11.05 -8.54
N ASP A 55 3.20 -10.47 -9.60
CA ASP A 55 4.64 -10.20 -9.68
C ASP A 55 5.07 -8.91 -8.93
N ASN A 56 4.16 -7.92 -8.85
CA ASN A 56 4.48 -6.64 -8.17
C ASN A 56 3.43 -6.27 -7.08
N PRO A 57 3.32 -7.06 -5.95
CA PRO A 57 2.38 -6.77 -4.84
C PRO A 57 2.94 -5.72 -3.85
N TYR A 58 2.08 -5.15 -2.99
CA TYR A 58 2.50 -4.16 -1.99
C TYR A 58 1.98 -4.54 -0.61
N LYS A 59 2.84 -4.39 0.40
CA LYS A 59 2.50 -4.72 1.79
C LYS A 59 2.44 -3.44 2.62
N GLU A 60 1.35 -3.32 3.40
CA GLU A 60 1.08 -2.12 4.23
C GLU A 60 1.93 -2.02 5.51
N VAL A 61 2.77 -0.97 5.55
CA VAL A 61 3.63 -0.65 6.72
C VAL A 61 2.92 0.29 7.70
N LYS A 62 2.31 1.38 7.17
CA LYS A 62 1.63 2.41 8.00
C LYS A 62 0.91 3.45 7.12
N VAL A 63 0.13 4.35 7.76
CA VAL A 63 -0.53 5.44 7.04
C VAL A 63 0.30 6.73 7.20
N GLY A 64 1.06 7.02 6.16
CA GLY A 64 1.92 8.20 6.13
C GLY A 64 2.79 8.23 4.89
N GLU A 65 3.87 9.03 4.97
CA GLU A 65 4.86 9.10 3.91
C GLU A 65 6.14 8.44 4.42
N CYS A 66 6.45 7.29 3.85
CA CYS A 66 7.61 6.50 4.26
C CYS A 66 8.79 6.61 3.29
N ASP A 67 10.00 6.52 3.86
CA ASP A 67 11.26 6.59 3.11
C ASP A 67 11.97 5.22 3.11
N ASP A 68 13.09 5.10 2.35
CA ASP A 68 13.87 3.85 2.24
C ASP A 68 14.73 3.54 3.49
N ALA A 69 14.68 4.42 4.50
CA ALA A 69 15.45 4.26 5.74
C ALA A 69 14.62 3.57 6.85
N ASN A 70 13.36 3.23 6.55
CA ASN A 70 12.46 2.58 7.50
C ASN A 70 12.37 1.07 7.23
N LYS A 71 12.13 0.32 8.30
CA LYS A 71 12.02 -1.15 8.25
C LYS A 71 10.55 -1.61 8.01
N PRO A 72 10.31 -2.83 7.39
CA PRO A 72 8.94 -3.33 7.13
C PRO A 72 8.22 -3.85 8.39
N VAL A 73 6.93 -3.54 8.48
CA VAL A 73 6.10 -3.97 9.62
C VAL A 73 4.74 -4.65 9.21
N CYS A 18 -8.45 -11.51 -1.43
CA CYS A 18 -8.85 -10.19 -1.93
C CYS A 18 -10.25 -9.92 -1.48
N GLN A 19 -10.44 -8.75 -0.90
CA GLN A 19 -11.72 -8.30 -0.43
C GLN A 19 -11.95 -6.87 -0.91
N LEU A 20 -12.84 -6.77 -1.90
CA LEU A 20 -13.18 -5.50 -2.54
C LEU A 20 -14.32 -4.76 -1.84
N PHE A 21 -13.89 -3.79 -1.03
CA PHE A 21 -14.77 -2.88 -0.29
C PHE A 21 -14.08 -1.50 -0.23
N CYS A 22 -14.58 -0.56 -1.05
CA CYS A 22 -13.98 0.77 -1.14
C CYS A 22 -14.85 1.89 -0.52
N PRO A 23 -14.47 2.43 0.69
CA PRO A 23 -15.19 3.55 1.33
C PRO A 23 -14.74 4.92 0.77
N MET A 24 -15.53 5.98 1.00
CA MET A 24 -15.18 7.31 0.48
C MET A 24 -14.48 8.15 1.57
N ILE A 25 -13.14 8.05 1.59
CA ILE A 25 -12.27 8.78 2.52
C ILE A 25 -10.92 9.03 1.87
N TYR A 26 -10.22 10.10 2.28
CA TYR A 26 -8.88 10.38 1.75
C TYR A 26 -7.85 10.19 2.85
N ALA A 27 -7.24 9.01 2.77
CA ALA A 27 -6.20 8.57 3.72
C ALA A 27 -4.98 7.97 2.99
N PRO A 28 -3.80 8.69 2.90
CA PRO A 28 -2.59 8.14 2.24
C PRO A 28 -1.92 7.02 3.06
N ILE A 29 -1.63 5.89 2.39
CA ILE A 29 -0.99 4.74 3.06
C ILE A 29 0.31 4.35 2.35
N CYS A 30 1.35 4.06 3.16
CA CYS A 30 2.67 3.65 2.66
C CYS A 30 2.84 2.13 2.76
N ALA A 31 3.42 1.53 1.70
CA ALA A 31 3.64 0.09 1.62
C ALA A 31 4.94 -0.21 0.89
N THR A 32 5.72 -1.14 1.44
CA THR A 32 7.01 -1.51 0.85
C THR A 32 7.12 -3.01 0.63
N ASP A 33 7.58 -3.38 -0.56
CA ASP A 33 7.80 -4.79 -0.91
C ASP A 33 9.31 -5.07 -1.05
N GLY A 34 10.13 -4.36 -0.24
CA GLY A 34 11.59 -4.50 -0.30
C GLY A 34 12.21 -3.48 -1.25
N VAL A 35 11.44 -3.22 -2.31
CA VAL A 35 11.71 -2.27 -3.39
C VAL A 35 11.21 -0.88 -2.98
N SER A 36 11.56 0.19 -3.74
CA SER A 36 11.11 1.55 -3.42
C SER A 36 9.58 1.53 -3.26
N GLN A 37 9.13 2.09 -2.13
CA GLN A 37 7.73 2.06 -1.72
C GLN A 37 6.85 3.08 -2.42
N ARG A 38 5.54 2.81 -2.34
CA ARG A 38 4.50 3.62 -2.95
C ARG A 38 3.43 4.01 -1.94
N THR A 39 2.78 5.14 -2.21
CA THR A 39 1.71 5.67 -1.35
C THR A 39 0.37 5.65 -2.07
N PHE A 40 -0.62 4.97 -1.46
CA PHE A 40 -1.97 4.86 -2.01
C PHE A 40 -2.89 5.93 -1.42
N SER A 41 -4.01 6.21 -2.11
CA SER A 41 -4.98 7.22 -1.66
C SER A 41 -5.86 6.72 -0.50
N ASN A 42 -5.92 5.38 -0.33
CA ASN A 42 -6.73 4.73 0.74
C ASN A 42 -6.38 3.23 0.85
N PRO A 43 -6.58 2.56 2.06
CA PRO A 43 -6.30 1.10 2.24
C PRO A 43 -6.98 0.18 1.19
N CYS A 44 -8.10 0.64 0.59
CA CYS A 44 -8.83 -0.14 -0.43
C CYS A 44 -8.08 -0.14 -1.78
N ASP A 45 -7.39 0.96 -2.07
CA ASP A 45 -6.60 1.12 -3.30
C ASP A 45 -5.33 0.25 -3.28
N LEU A 46 -4.87 -0.09 -2.06
CA LEU A 46 -3.66 -0.88 -1.85
C LEU A 46 -3.81 -2.38 -2.10
N LYS A 47 -4.79 -3.03 -1.42
CA LYS A 47 -5.00 -4.47 -1.52
C LYS A 47 -5.35 -4.93 -2.95
N VAL A 48 -6.13 -4.09 -3.63
CA VAL A 48 -6.56 -4.31 -5.03
C VAL A 48 -5.35 -4.49 -5.96
N TYR A 49 -4.30 -3.69 -5.71
CA TYR A 49 -3.07 -3.70 -6.50
C TYR A 49 -2.31 -5.03 -6.32
N ASN A 50 -2.42 -5.60 -5.13
CA ASN A 50 -1.77 -6.87 -4.76
C ASN A 50 -2.47 -8.08 -5.40
N CYS A 51 -3.80 -7.95 -5.59
CA CYS A 51 -4.66 -8.99 -6.14
C CYS A 51 -4.45 -9.25 -7.65
N TRP A 52 -4.51 -8.19 -8.48
CA TRP A 52 -4.36 -8.34 -9.93
C TRP A 52 -2.92 -8.14 -10.46
N ASN A 53 -2.05 -7.62 -9.60
CA ASN A 53 -0.62 -7.44 -9.92
C ASN A 53 0.23 -8.51 -9.18
N PRO A 54 0.43 -9.73 -9.79
CA PRO A 54 1.23 -10.82 -9.17
C PRO A 54 2.75 -10.53 -9.08
N ASP A 55 3.27 -9.87 -10.14
CA ASP A 55 4.70 -9.53 -10.25
C ASP A 55 5.12 -8.32 -9.38
N ASN A 56 4.21 -7.36 -9.16
CA ASN A 56 4.52 -6.16 -8.37
C ASN A 56 3.52 -5.93 -7.19
N PRO A 57 3.54 -6.80 -6.13
CA PRO A 57 2.65 -6.66 -4.94
C PRO A 57 3.21 -5.66 -3.90
N TYR A 58 2.33 -5.16 -3.02
CA TYR A 58 2.74 -4.23 -1.96
C TYR A 58 2.23 -4.69 -0.60
N LYS A 59 3.03 -4.43 0.45
CA LYS A 59 2.67 -4.83 1.81
C LYS A 59 2.48 -3.59 2.71
N GLU A 60 1.31 -3.51 3.36
CA GLU A 60 0.93 -2.37 4.23
C GLU A 60 1.86 -2.22 5.45
N VAL A 61 2.56 -1.07 5.47
CA VAL A 61 3.49 -0.72 6.55
C VAL A 61 2.85 0.24 7.57
N LYS A 62 2.19 1.32 7.08
CA LYS A 62 1.55 2.34 7.95
C LYS A 62 0.84 3.42 7.12
N VAL A 63 0.07 4.31 7.81
CA VAL A 63 -0.58 5.43 7.15
C VAL A 63 0.31 6.68 7.34
N GLY A 64 1.06 7.00 6.29
CA GLY A 64 1.97 8.13 6.30
C GLY A 64 2.81 8.17 5.04
N GLU A 65 3.93 8.92 5.10
CA GLU A 65 4.89 9.00 4.01
C GLU A 65 6.19 8.36 4.47
N CYS A 66 6.53 7.24 3.85
CA CYS A 66 7.72 6.47 4.21
C CYS A 66 8.82 6.56 3.15
N ASP A 67 10.07 6.43 3.61
CA ASP A 67 11.26 6.48 2.76
C ASP A 67 11.94 5.09 2.71
N ASP A 68 12.98 4.97 1.87
CA ASP A 68 13.74 3.69 1.71
C ASP A 68 14.64 3.37 2.92
N ALA A 69 14.81 4.34 3.82
CA ALA A 69 15.65 4.19 5.03
C ALA A 69 14.80 3.82 6.26
N ASN A 70 13.54 3.42 6.03
CA ASN A 70 12.61 3.04 7.09
C ASN A 70 12.61 1.52 7.32
N LYS A 71 12.14 1.12 8.51
CA LYS A 71 12.06 -0.28 8.91
C LYS A 71 10.71 -0.92 8.49
N PRO A 72 10.68 -2.21 8.00
CA PRO A 72 9.42 -2.88 7.58
C PRO A 72 8.48 -3.22 8.76
N VAL A 73 7.21 -2.87 8.59
CA VAL A 73 6.18 -3.12 9.61
C VAL A 73 5.17 -4.24 9.20
N CYS A 18 -7.82 -11.73 -0.73
CA CYS A 18 -8.17 -10.38 -1.16
C CYS A 18 -9.47 -10.02 -0.52
N GLN A 19 -9.51 -8.84 0.07
CA GLN A 19 -10.69 -8.34 0.70
C GLN A 19 -10.94 -6.91 0.21
N LEU A 20 -11.95 -6.80 -0.65
CA LEU A 20 -12.34 -5.54 -1.27
C LEU A 20 -13.45 -4.81 -0.52
N PHE A 21 -12.99 -3.84 0.25
CA PHE A 21 -13.84 -2.91 1.01
C PHE A 21 -13.26 -1.50 0.83
N CYS A 22 -13.90 -0.72 -0.01
CA CYS A 22 -13.43 0.63 -0.35
C CYS A 22 -14.15 1.78 0.38
N PRO A 23 -13.56 2.33 1.49
CA PRO A 23 -14.11 3.48 2.22
C PRO A 23 -13.65 4.81 1.57
N MET A 24 -14.53 5.83 1.57
CA MET A 24 -14.19 7.12 0.96
C MET A 24 -13.73 8.13 2.01
N ILE A 25 -12.41 8.17 2.23
CA ILE A 25 -11.76 9.10 3.19
C ILE A 25 -10.34 9.39 2.68
N TYR A 26 -9.94 10.67 2.61
CA TYR A 26 -8.60 11.00 2.09
C TYR A 26 -7.51 10.85 3.16
N ALA A 27 -6.86 9.68 3.09
CA ALA A 27 -5.76 9.30 3.99
C ALA A 27 -4.59 8.71 3.18
N PRO A 28 -3.32 9.20 3.33
CA PRO A 28 -2.17 8.62 2.59
C PRO A 28 -1.60 7.38 3.30
N ILE A 29 -1.44 6.27 2.53
CA ILE A 29 -0.91 5.01 3.07
C ILE A 29 0.33 4.55 2.30
N CYS A 30 1.34 4.07 3.05
CA CYS A 30 2.58 3.54 2.47
C CYS A 30 2.56 2.01 2.48
N ALA A 31 3.07 1.42 1.39
CA ALA A 31 3.13 -0.04 1.23
C ALA A 31 4.47 -0.43 0.62
N THR A 32 5.18 -1.35 1.27
CA THR A 32 6.51 -1.79 0.81
C THR A 32 6.57 -3.30 0.54
N ASP A 33 7.17 -3.65 -0.59
CA ASP A 33 7.37 -5.06 -0.97
C ASP A 33 8.87 -5.44 -0.86
N GLY A 34 9.59 -4.73 0.03
CA GLY A 34 11.04 -4.95 0.22
C GLY A 34 11.84 -3.91 -0.56
N VAL A 35 11.27 -3.58 -1.71
CA VAL A 35 11.77 -2.57 -2.66
C VAL A 35 11.20 -1.19 -2.25
N SER A 36 11.72 -0.11 -2.87
CA SER A 36 11.25 1.26 -2.57
C SER A 36 9.73 1.30 -2.70
N GLN A 37 9.11 1.77 -1.62
CA GLN A 37 7.65 1.79 -1.45
C GLN A 37 6.94 2.91 -2.19
N ARG A 38 5.62 2.71 -2.32
CA ARG A 38 4.73 3.64 -3.02
C ARG A 38 3.61 4.13 -2.10
N THR A 39 3.08 5.31 -2.41
CA THR A 39 2.00 5.92 -1.64
C THR A 39 0.71 5.95 -2.47
N PHE A 40 -0.35 5.35 -1.91
CA PHE A 40 -1.67 5.28 -2.56
C PHE A 40 -2.61 6.32 -1.96
N SER A 41 -3.72 6.60 -2.67
CA SER A 41 -4.74 7.56 -2.21
C SER A 41 -5.59 6.98 -1.06
N ASN A 42 -5.75 5.63 -1.06
CA ASN A 42 -6.53 4.91 -0.05
C ASN A 42 -6.21 3.38 -0.12
N PRO A 43 -6.62 2.53 0.89
CA PRO A 43 -6.35 1.06 0.86
C PRO A 43 -7.05 0.33 -0.30
N CYS A 44 -8.09 0.97 -0.87
CA CYS A 44 -8.87 0.40 -2.00
C CYS A 44 -8.00 0.19 -3.25
N ASP A 45 -7.18 1.22 -3.57
CA ASP A 45 -6.27 1.17 -4.73
C ASP A 45 -5.09 0.21 -4.52
N LEU A 46 -4.69 0.01 -3.24
CA LEU A 46 -3.58 -0.87 -2.89
C LEU A 46 -3.97 -2.36 -2.88
N LYS A 47 -5.00 -2.68 -2.08
CA LYS A 47 -5.51 -4.06 -1.94
C LYS A 47 -5.89 -4.70 -3.28
N VAL A 48 -6.40 -3.86 -4.18
CA VAL A 48 -6.77 -4.26 -5.55
C VAL A 48 -5.50 -4.50 -6.40
N TYR A 49 -4.47 -3.69 -6.14
CA TYR A 49 -3.18 -3.73 -6.87
C TYR A 49 -2.42 -5.04 -6.65
N ASN A 50 -2.29 -5.46 -5.39
CA ASN A 50 -1.57 -6.69 -5.01
C ASN A 50 -2.30 -7.99 -5.37
N CYS A 51 -3.63 -7.93 -5.33
CA CYS A 51 -4.52 -9.08 -5.60
C CYS A 51 -4.33 -9.69 -7.02
N TRP A 52 -4.50 -8.86 -8.05
CA TRP A 52 -4.39 -9.34 -9.45
C TRP A 52 -3.01 -9.13 -10.12
N ASN A 53 -2.15 -8.38 -9.45
CA ASN A 53 -0.77 -8.13 -9.92
C ASN A 53 0.24 -8.99 -9.14
N PRO A 54 0.55 -10.25 -9.61
CA PRO A 54 1.52 -11.16 -8.93
C PRO A 54 2.99 -10.71 -9.07
N ASP A 55 3.32 -10.13 -10.24
CA ASP A 55 4.69 -9.65 -10.55
C ASP A 55 5.07 -8.35 -9.79
N ASN A 56 4.07 -7.49 -9.51
CA ASN A 56 4.34 -6.23 -8.81
C ASN A 56 3.38 -6.02 -7.59
N PRO A 57 3.46 -6.89 -6.52
CA PRO A 57 2.61 -6.76 -5.32
C PRO A 57 3.13 -5.75 -4.29
N TYR A 58 2.24 -5.22 -3.44
CA TYR A 58 2.61 -4.27 -2.39
C TYR A 58 1.92 -4.65 -1.07
N LYS A 59 2.65 -4.54 0.04
CA LYS A 59 2.13 -4.88 1.36
C LYS A 59 2.06 -3.64 2.25
N GLU A 60 0.98 -3.52 3.02
CA GLU A 60 0.73 -2.36 3.90
C GLU A 60 1.65 -2.31 5.14
N VAL A 61 2.43 -1.23 5.20
CA VAL A 61 3.37 -0.96 6.32
C VAL A 61 2.71 -0.10 7.40
N LYS A 62 2.03 1.00 6.98
CA LYS A 62 1.37 1.95 7.90
C LYS A 62 0.59 3.02 7.12
N VAL A 63 -0.28 3.77 7.84
CA VAL A 63 -1.03 4.87 7.21
C VAL A 63 -0.29 6.18 7.55
N GLY A 64 0.48 6.64 6.55
CA GLY A 64 1.26 7.86 6.68
C GLY A 64 2.13 8.10 5.46
N GLU A 65 3.16 8.94 5.64
CA GLU A 65 4.12 9.22 4.57
C GLU A 65 5.48 8.65 4.98
N CYS A 66 5.86 7.56 4.31
CA CYS A 66 7.13 6.86 4.60
C CYS A 66 8.34 7.43 3.84
N ASP A 67 9.52 7.17 4.40
CA ASP A 67 10.80 7.60 3.83
C ASP A 67 11.61 6.37 3.35
N ASP A 68 12.76 6.61 2.69
CA ASP A 68 13.64 5.53 2.17
C ASP A 68 14.41 4.78 3.28
N ALA A 69 14.33 5.30 4.52
CA ALA A 69 15.01 4.69 5.67
C ALA A 69 14.03 3.88 6.56
N ASN A 70 12.82 3.60 6.04
CA ASN A 70 11.78 2.86 6.75
C ASN A 70 11.94 1.34 6.55
N LYS A 71 11.61 0.60 7.61
CA LYS A 71 11.69 -0.87 7.62
C LYS A 71 10.29 -1.50 7.38
N PRO A 72 10.20 -2.80 6.88
CA PRO A 72 8.89 -3.47 6.63
C PRO A 72 8.15 -3.88 7.92
N VAL A 73 6.86 -3.53 7.97
CA VAL A 73 6.00 -3.84 9.12
C VAL A 73 4.86 -4.85 8.77
N CYS A 18 -8.40 -11.24 -0.76
CA CYS A 18 -8.76 -9.94 -1.33
C CYS A 18 -10.15 -9.61 -0.84
N GLN A 19 -10.30 -8.41 -0.34
CA GLN A 19 -11.57 -7.92 0.13
C GLN A 19 -11.82 -6.52 -0.43
N LEU A 20 -12.74 -6.48 -1.40
CA LEU A 20 -13.11 -5.25 -2.09
C LEU A 20 -14.17 -4.46 -1.31
N PHE A 21 -13.66 -3.46 -0.61
CA PHE A 21 -14.45 -2.50 0.15
C PHE A 21 -13.86 -1.11 -0.07
N CYS A 22 -14.46 -0.35 -1.00
CA CYS A 22 -13.96 0.98 -1.33
C CYS A 22 -14.81 2.13 -0.74
N PRO A 23 -14.39 2.72 0.44
CA PRO A 23 -15.09 3.86 1.04
C PRO A 23 -14.59 5.20 0.45
N MET A 24 -15.27 6.33 0.74
CA MET A 24 -14.86 7.63 0.18
C MET A 24 -14.23 8.55 1.23
N ILE A 25 -12.89 8.46 1.34
CA ILE A 25 -12.08 9.30 2.26
C ILE A 25 -10.68 9.46 1.63
N TYR A 26 -10.02 10.60 1.91
CA TYR A 26 -8.67 10.83 1.39
C TYR A 26 -7.65 10.68 2.50
N ALA A 27 -7.07 9.49 2.52
CA ALA A 27 -6.04 9.09 3.49
C ALA A 27 -4.84 8.43 2.80
N PRO A 28 -3.58 8.95 2.96
CA PRO A 28 -2.38 8.33 2.34
C PRO A 28 -1.81 7.17 3.19
N ILE A 29 -1.51 6.05 2.52
CA ILE A 29 -0.94 4.86 3.19
C ILE A 29 0.40 4.46 2.56
N CYS A 30 1.38 4.09 3.43
CA CYS A 30 2.71 3.68 2.97
C CYS A 30 2.86 2.15 3.01
N ALA A 31 3.41 1.59 1.91
CA ALA A 31 3.62 0.15 1.75
C ALA A 31 4.97 -0.12 1.11
N THR A 32 5.61 -1.24 1.50
CA THR A 32 6.92 -1.61 0.97
C THR A 32 6.93 -3.04 0.41
N ASP A 33 7.55 -3.18 -0.75
CA ASP A 33 7.70 -4.50 -1.38
C ASP A 33 9.20 -4.82 -1.57
N GLY A 34 10.01 -4.36 -0.60
CA GLY A 34 11.47 -4.55 -0.64
C GLY A 34 12.18 -3.36 -1.27
N VAL A 35 11.48 -2.74 -2.24
CA VAL A 35 11.92 -1.56 -2.98
C VAL A 35 11.39 -0.30 -2.27
N SER A 36 11.83 0.91 -2.69
CA SER A 36 11.40 2.17 -2.07
C SER A 36 9.86 2.19 -2.00
N GLN A 37 9.34 2.83 -0.95
CA GLN A 37 7.91 2.83 -0.63
C GLN A 37 7.07 3.77 -1.49
N ARG A 38 5.86 3.28 -1.77
CA ARG A 38 4.87 4.00 -2.55
C ARG A 38 3.68 4.39 -1.66
N THR A 39 2.99 5.46 -2.06
CA THR A 39 1.84 5.97 -1.31
C THR A 39 0.55 5.79 -2.12
N PHE A 40 -0.46 5.19 -1.49
CA PHE A 40 -1.77 4.95 -2.11
C PHE A 40 -2.78 5.99 -1.61
N SER A 41 -3.94 6.06 -2.29
CA SER A 41 -5.01 7.00 -1.94
C SER A 41 -5.90 6.45 -0.80
N ASN A 42 -5.89 5.11 -0.60
CA ASN A 42 -6.69 4.42 0.44
C ASN A 42 -6.36 2.90 0.44
N PRO A 43 -6.64 2.12 1.56
CA PRO A 43 -6.36 0.65 1.62
C PRO A 43 -7.06 -0.19 0.53
N CYS A 44 -8.23 0.26 0.05
CA CYS A 44 -9.01 -0.48 -0.97
C CYS A 44 -8.26 -0.57 -2.31
N ASP A 45 -7.69 0.56 -2.77
CA ASP A 45 -6.91 0.60 -4.03
C ASP A 45 -5.57 -0.14 -3.89
N LEU A 46 -5.08 -0.25 -2.63
CA LEU A 46 -3.82 -0.94 -2.32
C LEU A 46 -3.98 -2.47 -2.38
N LYS A 47 -4.97 -2.98 -1.62
CA LYS A 47 -5.26 -4.41 -1.52
C LYS A 47 -5.62 -5.05 -2.87
N VAL A 48 -6.29 -4.26 -3.71
CA VAL A 48 -6.70 -4.67 -5.07
C VAL A 48 -5.48 -4.81 -6.00
N TYR A 49 -4.51 -3.92 -5.80
CA TYR A 49 -3.26 -3.84 -6.58
C TYR A 49 -2.49 -5.19 -6.59
N ASN A 50 -2.29 -5.75 -5.40
CA ASN A 50 -1.57 -7.03 -5.20
C ASN A 50 -2.38 -8.25 -5.63
N CYS A 51 -3.71 -8.13 -5.48
CA CYS A 51 -4.68 -9.19 -5.81
C CYS A 51 -4.58 -9.69 -7.27
N TRP A 52 -4.63 -8.76 -8.22
CA TRP A 52 -4.56 -9.12 -9.65
C TRP A 52 -3.16 -8.92 -10.29
N ASN A 53 -2.31 -8.18 -9.57
CA ASN A 53 -0.91 -7.94 -9.98
C ASN A 53 0.06 -8.83 -9.16
N PRO A 54 0.37 -10.08 -9.64
CA PRO A 54 1.30 -11.01 -8.92
C PRO A 54 2.78 -10.54 -8.95
N ASP A 55 3.17 -9.94 -10.08
CA ASP A 55 4.55 -9.46 -10.31
C ASP A 55 4.91 -8.19 -9.50
N ASN A 56 3.91 -7.32 -9.22
CA ASN A 56 4.15 -6.07 -8.48
C ASN A 56 3.22 -5.93 -7.25
N PRO A 57 3.34 -6.80 -6.19
CA PRO A 57 2.51 -6.72 -4.96
C PRO A 57 3.04 -5.70 -3.94
N TYR A 58 2.16 -5.23 -3.03
CA TYR A 58 2.56 -4.27 -1.98
C TYR A 58 2.09 -4.75 -0.61
N LYS A 59 2.96 -4.56 0.39
CA LYS A 59 2.66 -4.95 1.77
C LYS A 59 2.63 -3.71 2.67
N GLU A 60 1.64 -3.66 3.57
CA GLU A 60 1.41 -2.52 4.47
C GLU A 60 2.39 -2.44 5.66
N VAL A 61 3.21 -1.38 5.67
CA VAL A 61 4.17 -1.08 6.75
C VAL A 61 3.54 -0.17 7.81
N LYS A 62 2.87 0.90 7.33
CA LYS A 62 2.20 1.91 8.20
C LYS A 62 1.32 2.82 7.35
N VAL A 63 0.41 3.57 8.01
CA VAL A 63 -0.44 4.53 7.27
C VAL A 63 0.12 5.95 7.47
N GLY A 64 0.85 6.40 6.45
CA GLY A 64 1.47 7.71 6.46
C GLY A 64 2.35 7.93 5.24
N GLU A 65 3.25 8.90 5.33
CA GLU A 65 4.22 9.18 4.28
C GLU A 65 5.60 8.77 4.77
N CYS A 66 6.09 7.64 4.26
CA CYS A 66 7.39 7.09 4.65
C CYS A 66 8.41 7.14 3.52
N ASP A 67 9.70 7.12 3.92
CA ASP A 67 10.83 7.15 2.98
C ASP A 67 11.44 5.74 2.82
N ASP A 68 12.42 5.61 1.90
CA ASP A 68 13.10 4.32 1.62
C ASP A 68 14.09 3.89 2.74
N ALA A 69 14.27 4.76 3.74
CA ALA A 69 15.18 4.49 4.88
C ALA A 69 14.45 3.82 6.06
N ASN A 70 13.22 3.36 5.81
CA ASN A 70 12.39 2.69 6.82
C ASN A 70 12.45 1.17 6.65
N LYS A 71 12.28 0.46 7.78
CA LYS A 71 12.31 -1.01 7.80
C LYS A 71 10.88 -1.62 7.60
N PRO A 72 10.74 -2.86 7.03
CA PRO A 72 9.42 -3.50 6.80
C PRO A 72 8.82 -4.12 8.07
N VAL A 73 7.51 -3.91 8.26
CA VAL A 73 6.78 -4.45 9.42
C VAL A 73 5.41 -5.12 9.07
#